data_5F4N
#
_entry.id   5F4N
#
_cell.length_a   44.970
_cell.length_b   65.870
_cell.length_c   57.900
_cell.angle_alpha   90.00
_cell.angle_beta   94.69
_cell.angle_gamma   90.00
#
_symmetry.space_group_name_H-M   'P 1 21 1'
#
loop_
_entity.id
_entity.type
_entity.pdbx_description
1 polymer 'Serine/threonine-protein kinase Chk1'
2 non-polymer 'methyl 6-[(5-cyanopyrazin-2-yl)amino]-4-[[(2~{R})-morpholin-2-yl]methylamino]pyridine-3-carboxylate'
3 non-polymer 1,2-ETHANEDIOL
4 non-polymer GLYCEROL
5 water water
#
_entity_poly.entity_id   1
_entity_poly.type   'polypeptide(L)'
_entity_poly.pdbx_seq_one_letter_code
;MAVPFVEDWDLVQTLGEGAYGEVQLAVNRVTEEAVAVKIVDMKRAVDCPENIKKEICINKMLNHENVVKFYGHRREGNIQ
YLFLEYCSGGELFDRIEPDIGMPEPDAQRFFHQLMAGVVYLHGIGITHRDIKPENLLLDERDNLKISDFGLATVFRYNNR
ERLLNKMCGTLPYVAPELLKRREFHAEPVDVWSCGIVLTAMLAGELPWDQPSDSCQEYSDWKEKKTYLNPWKKIDSAPLA
LLHKILVENPSARITIPDIKKDRWYNKPLKKGA
;
_entity_poly.pdbx_strand_id   A
#
loop_
_chem_comp.id
_chem_comp.type
_chem_comp.name
_chem_comp.formula
5UY non-polymer 'methyl 6-[(5-cyanopyrazin-2-yl)amino]-4-[[(2~{R})-morpholin-2-yl]methylamino]pyridine-3-carboxylate' 'C17 H19 N7 O3'
EDO non-polymer 1,2-ETHANEDIOL 'C2 H6 O2'
GOL non-polymer GLYCEROL 'C3 H8 O3'
#
# COMPACT_ATOMS: atom_id res chain seq x y z
N PHE A 5 36.00 -8.84 -1.34
CA PHE A 5 35.01 -9.44 -0.46
C PHE A 5 33.71 -8.64 -0.45
N VAL A 6 33.65 -7.60 -1.27
CA VAL A 6 32.48 -6.72 -1.33
C VAL A 6 31.20 -7.42 -1.80
N GLU A 7 31.32 -8.56 -2.47
CA GLU A 7 30.15 -9.31 -2.89
C GLU A 7 29.65 -10.30 -1.81
N ASP A 8 30.32 -10.38 -0.67
CA ASP A 8 29.93 -11.27 0.42
C ASP A 8 28.95 -10.61 1.40
N TRP A 9 27.83 -11.28 1.63
CA TRP A 9 26.74 -10.82 2.49
C TRP A 9 26.47 -11.84 3.58
N ASP A 10 26.25 -11.37 4.81
CA ASP A 10 25.92 -12.27 5.92
C ASP A 10 24.43 -12.13 6.23
N LEU A 11 23.77 -13.26 6.49
CA LEU A 11 22.35 -13.28 6.82
C LEU A 11 22.26 -13.14 8.34
N VAL A 12 21.68 -12.02 8.80
CA VAL A 12 21.60 -11.62 10.20
C VAL A 12 20.37 -12.17 10.92
N GLN A 13 19.19 -11.95 10.35
CA GLN A 13 17.95 -12.42 10.96
C GLN A 13 16.81 -12.49 9.95
N THR A 14 15.73 -13.16 10.34
CA THR A 14 14.57 -13.28 9.48
C THR A 14 13.65 -12.12 9.83
N LEU A 15 13.52 -11.20 8.90
CA LEU A 15 12.67 -10.01 9.03
C LEU A 15 11.16 -10.25 9.06
N GLY A 16 10.71 -11.20 8.26
CA GLY A 16 9.30 -11.50 8.11
C GLY A 16 9.05 -12.71 7.24
N GLU A 17 7.78 -13.08 7.13
CA GLU A 17 7.35 -14.22 6.34
C GLU A 17 6.37 -13.76 5.28
N GLY A 18 6.49 -14.41 4.13
CA GLY A 18 5.61 -14.24 2.97
C GLY A 18 5.06 -15.59 2.59
N ALA A 19 4.16 -15.63 1.60
CA ALA A 19 3.56 -16.88 1.14
C ALA A 19 4.60 -17.77 0.45
N TYR A 20 5.44 -17.17 -0.42
CA TYR A 20 6.49 -17.83 -1.20
C TYR A 20 7.68 -18.30 -0.37
N GLY A 21 8.04 -17.51 0.63
CA GLY A 21 9.16 -17.80 1.51
C GLY A 21 9.40 -16.72 2.55
N GLU A 22 10.66 -16.47 2.86
CA GLU A 22 11.05 -15.48 3.86
C GLU A 22 11.73 -14.23 3.29
N VAL A 23 11.76 -13.20 4.12
CA VAL A 23 12.44 -11.94 3.88
C VAL A 23 13.50 -11.93 4.99
N GLN A 24 14.78 -11.93 4.60
CA GLN A 24 15.89 -11.97 5.55
C GLN A 24 16.72 -10.72 5.45
N LEU A 25 17.28 -10.27 6.60
CA LEU A 25 18.18 -9.15 6.64
C LEU A 25 19.58 -9.66 6.30
N ALA A 26 20.23 -9.04 5.31
CA ALA A 26 21.58 -9.37 4.90
C ALA A 26 22.42 -8.13 5.10
N VAL A 27 23.65 -8.32 5.59
CA VAL A 27 24.58 -7.22 5.85
C VAL A 27 25.87 -7.50 5.10
N ASN A 28 26.38 -6.50 4.36
CA ASN A 28 27.61 -6.64 3.60
C ASN A 28 28.83 -6.74 4.56
N ARG A 29 29.67 -7.71 4.30
CA ARG A 29 30.86 -8.00 5.07
C ARG A 29 31.84 -6.83 5.10
N VAL A 30 32.03 -6.17 3.96
CA VAL A 30 32.94 -5.03 3.92
C VAL A 30 32.34 -3.67 4.30
N THR A 31 31.21 -3.32 3.69
CA THR A 31 30.57 -2.02 3.91
C THR A 31 29.55 -1.90 5.04
N GLU A 32 29.08 -3.03 5.53
CA GLU A 32 28.06 -3.11 6.57
C GLU A 32 26.70 -2.56 6.07
N GLU A 33 26.55 -2.39 4.74
CA GLU A 33 25.29 -1.96 4.14
C GLU A 33 24.30 -3.11 4.31
N ALA A 34 23.06 -2.77 4.66
CA ALA A 34 21.98 -3.73 4.87
C ALA A 34 21.05 -3.79 3.65
N VAL A 35 20.53 -4.98 3.36
CA VAL A 35 19.57 -5.23 2.29
C VAL A 35 18.57 -6.25 2.81
N ALA A 36 17.32 -6.16 2.34
CA ALA A 36 16.29 -7.14 2.67
C ALA A 36 16.27 -8.11 1.47
N VAL A 37 16.53 -9.39 1.73
CA VAL A 37 16.56 -10.43 0.70
C VAL A 37 15.24 -11.18 0.72
N LYS A 38 14.50 -11.10 -0.39
CA LYS A 38 13.23 -11.80 -0.56
C LYS A 38 13.55 -13.15 -1.22
N ILE A 39 13.17 -14.25 -0.56
CA ILE A 39 13.45 -15.62 -1.04
C ILE A 39 12.14 -16.26 -1.51
N VAL A 40 12.13 -16.69 -2.78
CA VAL A 40 10.96 -17.27 -3.45
C VAL A 40 11.40 -18.61 -4.08
N ASP A 41 10.86 -19.73 -3.58
CA ASP A 41 11.20 -21.07 -4.09
C ASP A 41 10.29 -21.50 -5.25
N ASN A 51 3.52 -13.42 -11.46
CA ASN A 51 4.61 -14.37 -11.21
C ASN A 51 5.84 -13.68 -10.58
N ILE A 52 6.91 -14.47 -10.33
CA ILE A 52 8.16 -13.94 -9.79
C ILE A 52 8.92 -13.16 -10.88
N LYS A 53 8.85 -13.62 -12.15
CA LYS A 53 9.45 -12.96 -13.32
C LYS A 53 8.88 -11.53 -13.49
N LYS A 54 7.56 -11.38 -13.26
CA LYS A 54 6.84 -10.13 -13.37
C LYS A 54 7.22 -9.17 -12.25
N GLU A 55 7.34 -9.67 -10.99
CA GLU A 55 7.75 -8.86 -9.84
C GLU A 55 9.14 -8.27 -10.11
N ILE A 56 10.05 -9.08 -10.69
CA ILE A 56 11.40 -8.63 -11.03
C ILE A 56 11.33 -7.54 -12.11
N CYS A 57 10.60 -7.81 -13.19
CA CYS A 57 10.41 -6.91 -14.33
C CYS A 57 9.83 -5.56 -13.89
N ILE A 58 8.79 -5.58 -13.03
CA ILE A 58 8.17 -4.36 -12.52
C ILE A 58 9.16 -3.64 -11.64
N ASN A 59 9.89 -4.37 -10.76
CA ASN A 59 10.88 -3.75 -9.86
C ASN A 59 12.00 -2.99 -10.58
N LYS A 60 12.47 -3.52 -11.74
CA LYS A 60 13.49 -2.91 -12.61
C LYS A 60 13.04 -1.54 -13.17
N MET A 61 11.73 -1.36 -13.29
CA MET A 61 11.09 -0.12 -13.72
C MET A 61 11.12 1.01 -12.68
N LEU A 62 10.99 0.63 -11.42
CA LEU A 62 10.88 1.56 -10.29
C LEU A 62 12.07 2.38 -9.79
N ASN A 63 11.82 3.67 -9.63
CA ASN A 63 12.79 4.62 -9.08
C ASN A 63 12.09 5.81 -8.43
N HIS A 64 11.76 5.71 -7.15
CA HIS A 64 11.11 6.81 -6.43
C HIS A 64 11.44 6.76 -4.94
N GLU A 65 11.52 7.92 -4.30
CA GLU A 65 11.84 8.03 -2.88
C GLU A 65 10.78 7.41 -1.95
N ASN A 66 9.56 7.16 -2.47
CA ASN A 66 8.50 6.52 -1.67
C ASN A 66 8.18 5.12 -2.17
N VAL A 67 9.14 4.50 -2.84
CA VAL A 67 9.02 3.14 -3.34
C VAL A 67 10.31 2.41 -2.92
N VAL A 68 10.18 1.20 -2.35
CA VAL A 68 11.29 0.35 -1.95
C VAL A 68 12.23 0.17 -3.16
N LYS A 69 13.52 0.43 -2.95
CA LYS A 69 14.53 0.28 -4.00
C LYS A 69 14.75 -1.18 -4.29
N PHE A 70 15.05 -1.47 -5.56
CA PHE A 70 15.38 -2.79 -6.04
C PHE A 70 16.85 -2.72 -6.46
N TYR A 71 17.70 -3.58 -5.86
CA TYR A 71 19.14 -3.59 -6.13
C TYR A 71 19.54 -4.63 -7.17
N GLY A 72 18.74 -5.68 -7.27
CA GLY A 72 19.01 -6.77 -8.20
C GLY A 72 18.39 -8.08 -7.77
N HIS A 73 18.72 -9.14 -8.49
CA HIS A 73 18.21 -10.48 -8.24
C HIS A 73 19.19 -11.55 -8.72
N ARG A 74 19.04 -12.77 -8.18
CA ARG A 74 19.86 -13.95 -8.50
C ARG A 74 19.02 -15.21 -8.36
N ARG A 75 19.14 -16.13 -9.33
CA ARG A 75 18.43 -17.41 -9.35
C ARG A 75 19.40 -18.56 -9.13
N GLU A 76 19.11 -19.41 -8.13
CA GLU A 76 19.91 -20.59 -7.80
C GLU A 76 18.96 -21.79 -7.72
N GLY A 77 19.03 -22.65 -8.73
CA GLY A 77 18.18 -23.84 -8.87
C GLY A 77 16.71 -23.47 -8.97
N ASN A 78 15.94 -23.82 -7.93
CA ASN A 78 14.52 -23.51 -7.81
C ASN A 78 14.34 -22.17 -7.06
N ILE A 79 15.27 -21.88 -6.13
CA ILE A 79 15.30 -20.68 -5.30
C ILE A 79 15.62 -19.39 -6.08
N GLN A 80 14.85 -18.33 -5.84
CA GLN A 80 15.01 -17.01 -6.46
C GLN A 80 15.17 -15.95 -5.34
N TYR A 81 16.24 -15.17 -5.42
CA TYR A 81 16.56 -14.12 -4.46
C TYR A 81 16.33 -12.75 -5.05
N LEU A 82 15.62 -11.87 -4.33
CA LEU A 82 15.41 -10.49 -4.72
C LEU A 82 16.09 -9.62 -3.69
N PHE A 83 17.00 -8.72 -4.13
CA PHE A 83 17.76 -7.81 -3.25
C PHE A 83 17.04 -6.46 -3.18
N LEU A 84 16.42 -6.20 -2.02
CA LEU A 84 15.56 -5.05 -1.81
C LEU A 84 15.96 -4.13 -0.68
N GLU A 85 15.40 -2.94 -0.65
CA GLU A 85 15.70 -1.95 0.37
C GLU A 85 15.30 -2.42 1.77
N TYR A 86 16.25 -2.32 2.71
CA TYR A 86 16.02 -2.60 4.11
C TYR A 86 15.57 -1.27 4.70
N CYS A 87 14.35 -1.25 5.18
CA CYS A 87 13.65 -0.09 5.71
C CYS A 87 13.59 -0.32 7.21
N SER A 88 14.60 0.17 7.90
CA SER A 88 14.87 -0.06 9.34
C SER A 88 13.74 0.37 10.30
N GLY A 89 12.85 1.24 9.84
CA GLY A 89 11.70 1.68 10.63
C GLY A 89 10.55 0.66 10.67
N GLY A 90 10.66 -0.40 9.87
CA GLY A 90 9.68 -1.47 9.78
C GLY A 90 8.39 -1.09 9.09
N GLU A 91 7.31 -1.80 9.42
CA GLU A 91 6.01 -1.57 8.81
C GLU A 91 5.26 -0.44 9.45
N LEU A 92 4.50 0.28 8.62
CA LEU A 92 3.57 1.32 9.06
C LEU A 92 2.56 0.62 9.99
N PHE A 93 2.27 -0.66 9.74
CA PHE A 93 1.37 -1.48 10.55
C PHE A 93 1.69 -1.35 12.05
N ASP A 94 3.00 -1.38 12.43
CA ASP A 94 3.44 -1.35 13.83
C ASP A 94 3.44 0.04 14.45
N ARG A 95 3.09 1.07 13.67
CA ARG A 95 2.96 2.46 14.15
C ARG A 95 1.50 2.79 14.47
N ILE A 96 0.58 1.90 14.10
CA ILE A 96 -0.84 2.08 14.35
C ILE A 96 -1.17 1.44 15.69
N GLU A 97 -1.57 2.22 16.68
CA GLU A 97 -1.92 1.64 17.97
C GLU A 97 -3.34 1.06 17.90
N PRO A 98 -3.59 -0.24 18.22
CA PRO A 98 -4.97 -0.78 18.12
C PRO A 98 -6.00 0.08 18.87
N ASP A 99 -7.11 0.36 18.19
CA ASP A 99 -8.24 1.13 18.70
C ASP A 99 -7.94 2.62 18.87
N ILE A 100 -6.72 3.03 18.57
CA ILE A 100 -6.31 4.42 18.73
C ILE A 100 -5.85 5.10 17.43
N GLY A 101 -4.95 4.44 16.72
CA GLY A 101 -4.41 5.02 15.51
C GLY A 101 -3.05 5.63 15.84
N MET A 102 -2.87 6.86 15.41
CA MET A 102 -1.61 7.61 15.65
C MET A 102 -1.93 9.11 15.63
N PRO A 103 -1.01 10.01 16.06
CA PRO A 103 -1.33 11.45 16.00
C PRO A 103 -1.64 11.86 14.56
N GLU A 104 -2.70 12.64 14.38
CA GLU A 104 -3.16 13.14 13.08
C GLU A 104 -2.05 13.77 12.19
N PRO A 105 -1.08 14.56 12.76
CA PRO A 105 -0.01 15.11 11.89
C PRO A 105 0.88 13.99 11.34
N ASP A 106 1.12 12.90 12.12
CA ASP A 106 1.89 11.75 11.61
C ASP A 106 1.12 11.04 10.47
N ALA A 107 -0.17 10.80 10.69
CA ALA A 107 -1.02 10.14 9.69
C ALA A 107 -1.06 10.99 8.38
N GLN A 108 -1.15 12.32 8.50
CA GLN A 108 -1.17 13.19 7.32
C GLN A 108 0.15 13.12 6.54
N ARG A 109 1.28 13.18 7.25
CA ARG A 109 2.61 13.10 6.62
C ARG A 109 2.75 11.75 5.92
N PHE A 110 2.35 10.64 6.58
CA PHE A 110 2.41 9.32 5.95
C PHE A 110 1.48 9.26 4.74
N PHE A 111 0.31 9.87 4.84
CA PHE A 111 -0.63 9.90 3.72
C PHE A 111 -0.06 10.68 2.53
N HIS A 112 0.63 11.78 2.80
CA HIS A 112 1.23 12.59 1.75
C HIS A 112 2.26 11.76 1.00
N GLN A 113 3.07 11.03 1.76
CA GLN A 113 4.10 10.17 1.19
C GLN A 113 3.50 9.02 0.37
N LEU A 114 2.42 8.43 0.89
CA LEU A 114 1.70 7.36 0.20
C LEU A 114 1.13 7.88 -1.13
N MET A 115 0.55 9.07 -1.13
CA MET A 115 0.03 9.66 -2.39
C MET A 115 1.14 9.89 -3.40
N ALA A 116 2.32 10.36 -2.93
CA ALA A 116 3.45 10.62 -3.80
C ALA A 116 3.95 9.30 -4.47
N GLY A 117 4.01 8.23 -3.70
CA GLY A 117 4.42 6.92 -4.22
C GLY A 117 3.40 6.37 -5.20
N VAL A 118 2.09 6.49 -4.87
CA VAL A 118 1.00 5.99 -5.74
C VAL A 118 0.92 6.81 -7.05
N VAL A 119 1.05 8.15 -6.95
CA VAL A 119 1.09 9.02 -8.15
C VAL A 119 2.22 8.53 -9.06
N TYR A 120 3.38 8.23 -8.46
CA TYR A 120 4.53 7.81 -9.25
C TYR A 120 4.23 6.53 -10.02
N LEU A 121 3.72 5.50 -9.32
CA LEU A 121 3.40 4.19 -9.90
C LEU A 121 2.35 4.33 -10.99
N HIS A 122 1.28 5.06 -10.71
CA HIS A 122 0.22 5.26 -11.67
C HIS A 122 0.77 6.00 -12.89
N GLY A 123 1.70 6.91 -12.65
CA GLY A 123 2.35 7.69 -13.69
C GLY A 123 3.07 6.79 -14.67
N ILE A 124 3.69 5.72 -14.18
CA ILE A 124 4.39 4.78 -15.05
C ILE A 124 3.51 3.64 -15.54
N GLY A 125 2.23 3.67 -15.18
CA GLY A 125 1.25 2.67 -15.62
C GLY A 125 1.27 1.42 -14.79
N ILE A 126 1.73 1.53 -13.55
CA ILE A 126 1.77 0.39 -12.65
C ILE A 126 0.79 0.53 -11.48
N THR A 127 0.07 -0.54 -11.20
CA THR A 127 -0.86 -0.59 -10.08
C THR A 127 -0.38 -1.64 -9.07
N HIS A 128 -0.27 -1.25 -7.81
CA HIS A 128 0.18 -2.14 -6.73
C HIS A 128 -0.74 -3.32 -6.37
N ARG A 129 -2.01 -2.95 -6.27
N ARG A 129 -2.02 -2.97 -6.30
CA ARG A 129 -3.14 -3.89 -6.06
CA ARG A 129 -3.11 -3.95 -6.09
C ARG A 129 -3.20 -4.53 -4.67
C ARG A 129 -3.20 -4.54 -4.67
N ASP A 130 -2.29 -4.18 -3.75
CA ASP A 130 -2.35 -4.71 -2.39
C ASP A 130 -1.81 -3.72 -1.37
N ILE A 131 -2.28 -2.48 -1.46
CA ILE A 131 -1.86 -1.43 -0.55
C ILE A 131 -2.47 -1.67 0.82
N LYS A 132 -1.61 -1.81 1.83
CA LYS A 132 -2.03 -2.00 3.21
C LYS A 132 -0.85 -1.66 4.12
N PRO A 133 -1.05 -1.43 5.43
CA PRO A 133 0.05 -1.01 6.31
C PRO A 133 1.21 -2.00 6.45
N GLU A 134 0.96 -3.30 6.20
CA GLU A 134 1.99 -4.33 6.19
C GLU A 134 2.95 -4.13 5.01
N ASN A 135 2.47 -3.48 3.94
CA ASN A 135 3.22 -3.24 2.71
C ASN A 135 3.78 -1.84 2.59
N LEU A 136 3.65 -1.03 3.64
CA LEU A 136 4.13 0.34 3.65
C LEU A 136 5.22 0.39 4.69
N LEU A 137 6.48 0.41 4.23
CA LEU A 137 7.64 0.35 5.13
C LEU A 137 8.19 1.72 5.40
N LEU A 138 8.96 1.84 6.48
CA LEU A 138 9.53 3.10 6.93
C LEU A 138 11.04 3.02 6.96
N ASP A 139 11.73 4.01 6.38
CA ASP A 139 13.20 4.00 6.40
C ASP A 139 13.66 4.55 7.77
N GLU A 140 14.98 4.77 7.94
CA GLU A 140 15.57 5.31 9.18
C GLU A 140 15.04 6.72 9.59
N ARG A 141 14.49 7.47 8.63
CA ARG A 141 13.94 8.80 8.90
C ARG A 141 12.41 8.82 8.84
N ASP A 142 11.77 7.63 8.99
CA ASP A 142 10.30 7.48 8.95
C ASP A 142 9.68 7.90 7.62
N ASN A 143 10.44 7.79 6.51
CA ASN A 143 9.90 8.03 5.18
C ASN A 143 9.22 6.77 4.73
N LEU A 144 7.99 6.88 4.25
CA LEU A 144 7.20 5.75 3.79
C LEU A 144 7.69 5.27 2.42
N LYS A 145 7.78 3.94 2.26
CA LYS A 145 8.18 3.29 1.02
C LYS A 145 7.17 2.21 0.70
N ILE A 146 6.59 2.25 -0.50
CA ILE A 146 5.65 1.22 -0.92
C ILE A 146 6.48 -0.04 -1.21
N SER A 147 6.02 -1.19 -0.73
CA SER A 147 6.73 -2.45 -0.85
CA SER A 147 6.71 -2.43 -0.75
C SER A 147 5.92 -3.62 -1.42
N ASP A 148 6.65 -4.60 -1.94
CA ASP A 148 6.10 -5.83 -2.52
C ASP A 148 5.25 -5.63 -3.77
N PHE A 149 5.83 -5.95 -4.92
CA PHE A 149 5.17 -5.77 -6.20
C PHE A 149 4.75 -7.11 -6.78
N GLY A 150 4.68 -8.10 -5.90
CA GLY A 150 4.28 -9.44 -6.26
C GLY A 150 2.91 -9.48 -6.91
N LEU A 151 2.00 -8.62 -6.48
CA LEU A 151 0.64 -8.61 -7.06
C LEU A 151 0.46 -7.49 -8.08
N ALA A 152 1.51 -6.67 -8.29
CA ALA A 152 1.46 -5.51 -9.17
C ALA A 152 1.29 -5.88 -10.64
N THR A 153 0.71 -4.97 -11.44
CA THR A 153 0.57 -5.22 -12.87
C THR A 153 0.56 -3.93 -13.67
N VAL A 154 0.77 -4.04 -14.98
CA VAL A 154 0.70 -2.89 -15.90
C VAL A 154 -0.77 -2.65 -16.21
N PHE A 155 -1.26 -1.43 -15.98
CA PHE A 155 -2.64 -1.11 -16.35
C PHE A 155 -2.64 -0.11 -17.52
N ARG A 156 -1.47 0.50 -17.86
CA ARG A 156 -1.38 1.45 -18.99
C ARG A 156 -0.09 1.19 -19.72
N TYR A 157 -0.18 1.05 -21.04
CA TYR A 157 0.98 0.78 -21.88
C TYR A 157 0.74 1.41 -23.24
N ASN A 158 1.76 2.13 -23.76
CA ASN A 158 1.66 2.87 -25.03
C ASN A 158 0.48 3.84 -24.97
N ASN A 159 0.26 4.40 -23.79
CA ASN A 159 -0.80 5.39 -23.50
C ASN A 159 -2.25 4.81 -23.65
N ARG A 160 -2.39 3.46 -23.60
CA ARG A 160 -3.70 2.79 -23.66
C ARG A 160 -3.95 2.08 -22.38
N GLU A 161 -5.08 2.40 -21.76
CA GLU A 161 -5.43 1.79 -20.50
C GLU A 161 -6.01 0.40 -20.71
N ARG A 162 -5.65 -0.54 -19.87
CA ARG A 162 -6.23 -1.85 -19.86
C ARG A 162 -7.00 -2.06 -18.57
N LEU A 163 -8.23 -2.53 -18.71
CA LEU A 163 -9.08 -2.80 -17.56
C LEU A 163 -8.65 -4.09 -16.88
N LEU A 164 -8.79 -4.13 -15.57
CA LEU A 164 -8.40 -5.32 -14.84
C LEU A 164 -9.61 -6.18 -14.60
N ASN A 165 -9.39 -7.47 -14.35
CA ASN A 165 -10.47 -8.42 -14.06
C ASN A 165 -10.09 -9.45 -12.99
N LYS A 166 -8.82 -9.58 -12.68
CA LYS A 166 -8.41 -10.57 -11.69
C LYS A 166 -8.65 -10.10 -10.28
N MET A 167 -9.07 -11.03 -9.41
N MET A 167 -9.20 -11.00 -9.47
CA MET A 167 -9.25 -10.77 -7.97
CA MET A 167 -9.50 -10.81 -8.05
C MET A 167 -7.86 -10.67 -7.39
C MET A 167 -8.23 -10.96 -7.27
N CYS A 168 -7.55 -9.51 -6.80
N CYS A 168 -7.77 -9.86 -6.64
CA CYS A 168 -6.25 -9.22 -6.18
CA CYS A 168 -6.62 -9.91 -5.75
C CYS A 168 -6.45 -8.33 -4.95
C CYS A 168 -6.62 -8.75 -4.77
N GLY A 169 -5.57 -8.46 -3.96
N GLY A 169 -5.75 -8.84 -3.78
CA GLY A 169 -5.62 -7.66 -2.75
CA GLY A 169 -5.62 -7.84 -2.73
C GLY A 169 -5.90 -8.39 -1.46
C GLY A 169 -5.94 -8.46 -1.40
N THR A 170 -6.44 -7.66 -0.46
CA THR A 170 -6.77 -8.13 0.91
C THR A 170 -8.13 -7.59 1.23
N LEU A 171 -9.09 -8.45 1.56
CA LEU A 171 -10.48 -8.06 1.66
C LEU A 171 -10.84 -6.80 2.44
N PRO A 172 -10.25 -6.54 3.61
CA PRO A 172 -10.59 -5.32 4.33
C PRO A 172 -10.24 -4.09 3.49
N TYR A 173 -9.16 -4.17 2.72
CA TYR A 173 -8.70 -3.09 1.85
C TYR A 173 -9.18 -3.01 0.39
N VAL A 174 -9.88 -4.04 -0.10
CA VAL A 174 -10.32 -4.07 -1.52
C VAL A 174 -11.50 -3.18 -1.78
N ALA A 175 -11.51 -2.58 -2.97
CA ALA A 175 -12.59 -1.70 -3.39
C ALA A 175 -13.85 -2.54 -3.73
N PRO A 176 -15.08 -2.02 -3.52
CA PRO A 176 -16.28 -2.83 -3.78
C PRO A 176 -16.47 -3.30 -5.22
N GLU A 177 -15.95 -2.55 -6.22
CA GLU A 177 -16.12 -2.93 -7.63
C GLU A 177 -15.44 -4.27 -7.96
N LEU A 178 -14.33 -4.60 -7.25
CA LEU A 178 -13.60 -5.83 -7.46
CA LEU A 178 -13.63 -5.88 -7.46
C LEU A 178 -14.50 -7.02 -7.09
N LEU A 179 -15.39 -6.86 -6.10
CA LEU A 179 -16.31 -7.92 -5.70
C LEU A 179 -17.59 -7.94 -6.55
N LYS A 180 -17.93 -6.86 -7.24
CA LYS A 180 -19.22 -6.89 -7.93
C LYS A 180 -19.17 -6.85 -9.47
N ARG A 181 -18.07 -6.36 -10.04
CA ARG A 181 -17.90 -6.15 -11.47
C ARG A 181 -16.91 -7.12 -12.09
N ARG A 182 -17.18 -7.53 -13.34
CA ARG A 182 -16.29 -8.43 -14.10
C ARG A 182 -14.98 -7.68 -14.45
N GLU A 183 -15.07 -6.38 -14.77
CA GLU A 183 -13.91 -5.55 -15.13
C GLU A 183 -13.96 -4.25 -14.41
N PHE A 184 -12.79 -3.65 -14.16
CA PHE A 184 -12.71 -2.39 -13.41
C PHE A 184 -11.42 -1.67 -13.70
N HIS A 185 -11.41 -0.34 -13.53
CA HIS A 185 -10.25 0.51 -13.71
C HIS A 185 -9.30 0.29 -12.51
N ALA A 186 -7.98 0.23 -12.78
CA ALA A 186 -7.00 -0.01 -11.73
C ALA A 186 -6.84 1.12 -10.73
N GLU A 187 -6.78 2.40 -11.20
CA GLU A 187 -6.45 3.53 -10.32
C GLU A 187 -7.45 3.73 -9.16
N PRO A 188 -8.78 3.69 -9.37
CA PRO A 188 -9.70 3.88 -8.21
C PRO A 188 -9.56 2.80 -7.14
N VAL A 189 -9.09 1.59 -7.52
CA VAL A 189 -8.90 0.50 -6.59
C VAL A 189 -7.75 0.86 -5.61
N ASP A 190 -6.61 1.33 -6.14
CA ASP A 190 -5.50 1.74 -5.26
C ASP A 190 -5.89 2.97 -4.42
N VAL A 191 -6.70 3.90 -4.97
CA VAL A 191 -7.20 5.07 -4.22
C VAL A 191 -8.02 4.58 -2.99
N TRP A 192 -8.94 3.64 -3.23
CA TRP A 192 -9.78 3.09 -2.17
C TRP A 192 -8.91 2.48 -1.04
N SER A 193 -7.94 1.58 -1.38
CA SER A 193 -7.10 0.97 -0.34
C SER A 193 -6.33 2.00 0.48
N CYS A 194 -5.90 3.11 -0.16
CA CYS A 194 -5.23 4.24 0.53
C CYS A 194 -6.22 4.88 1.53
N GLY A 195 -7.49 4.94 1.19
CA GLY A 195 -8.50 5.47 2.08
C GLY A 195 -8.64 4.58 3.31
N ILE A 196 -8.60 3.27 3.09
CA ILE A 196 -8.69 2.33 4.20
C ILE A 196 -7.46 2.47 5.10
N VAL A 197 -6.29 2.66 4.50
CA VAL A 197 -5.06 2.83 5.25
C VAL A 197 -5.20 4.10 6.10
N LEU A 198 -5.74 5.16 5.51
CA LEU A 198 -5.93 6.41 6.24
C LEU A 198 -6.89 6.18 7.44
N THR A 199 -7.99 5.46 7.22
CA THR A 199 -8.95 5.15 8.31
C THR A 199 -8.19 4.43 9.46
N ALA A 200 -7.38 3.40 9.13
CA ALA A 200 -6.60 2.62 10.10
C ALA A 200 -5.65 3.51 10.88
N MET A 201 -4.90 4.39 10.18
CA MET A 201 -3.97 5.32 10.84
C MET A 201 -4.71 6.25 11.81
N LEU A 202 -5.91 6.67 11.47
CA LEU A 202 -6.66 7.62 12.31
C LEU A 202 -7.56 7.01 13.38
N ALA A 203 -7.85 5.70 13.28
CA ALA A 203 -8.78 5.09 14.24
C ALA A 203 -8.27 3.82 14.88
N GLY A 204 -7.17 3.27 14.34
CA GLY A 204 -6.58 2.04 14.87
C GLY A 204 -7.46 0.83 14.69
N GLU A 205 -8.32 0.85 13.67
CA GLU A 205 -9.24 -0.23 13.33
C GLU A 205 -9.67 -0.12 11.88
N LEU A 206 -10.03 -1.26 11.33
CA LEU A 206 -10.50 -1.38 9.96
C LEU A 206 -12.03 -1.25 9.99
N PRO A 207 -12.62 -0.47 9.07
CA PRO A 207 -14.07 -0.22 9.12
C PRO A 207 -14.98 -1.41 8.83
N TRP A 208 -14.53 -2.39 8.00
CA TRP A 208 -15.35 -3.57 7.68
C TRP A 208 -14.47 -4.76 7.25
N ASP A 209 -15.03 -5.97 7.32
CA ASP A 209 -14.38 -7.22 6.88
C ASP A 209 -14.18 -7.16 5.37
N GLN A 210 -15.14 -6.57 4.67
CA GLN A 210 -15.14 -6.41 3.21
C GLN A 210 -16.24 -5.43 2.79
N PRO A 211 -16.08 -4.72 1.65
CA PRO A 211 -17.14 -3.76 1.26
C PRO A 211 -18.23 -4.41 0.40
N SER A 212 -19.05 -5.25 1.05
CA SER A 212 -20.16 -5.91 0.37
C SER A 212 -21.50 -5.54 0.98
N ASP A 213 -22.59 -5.76 0.24
CA ASP A 213 -23.98 -5.52 0.68
C ASP A 213 -24.31 -6.29 1.96
N SER A 214 -23.78 -7.51 2.09
CA SER A 214 -23.98 -8.40 3.25
C SER A 214 -23.20 -7.97 4.51
N CYS A 215 -22.26 -7.03 4.37
CA CYS A 215 -21.46 -6.55 5.50
C CYS A 215 -22.13 -5.35 6.16
N GLN A 216 -22.63 -5.57 7.39
CA GLN A 216 -23.34 -4.58 8.20
C GLN A 216 -22.58 -3.27 8.34
N GLU A 217 -21.28 -3.34 8.67
CA GLU A 217 -20.44 -2.14 8.85
C GLU A 217 -20.31 -1.35 7.55
N TYR A 218 -20.26 -2.05 6.41
CA TYR A 218 -20.20 -1.37 5.11
C TYR A 218 -21.53 -0.67 4.82
N SER A 219 -22.67 -1.34 5.14
CA SER A 219 -24.02 -0.77 4.99
C SER A 219 -24.20 0.49 5.83
N ASP A 220 -23.72 0.46 7.09
CA ASP A 220 -23.77 1.59 8.04
C ASP A 220 -23.07 2.82 7.47
N TRP A 221 -21.88 2.62 6.88
CA TRP A 221 -21.13 3.68 6.22
C TRP A 221 -21.92 4.25 5.03
N LYS A 222 -22.53 3.38 4.17
CA LYS A 222 -23.30 3.86 3.00
C LYS A 222 -24.53 4.66 3.48
N GLU A 223 -25.03 4.34 4.69
CA GLU A 223 -26.17 5.00 5.33
C GLU A 223 -25.72 6.19 6.18
N LYS A 224 -24.42 6.56 6.08
CA LYS A 224 -23.76 7.71 6.72
C LYS A 224 -23.88 7.74 8.27
N LYS A 225 -23.86 6.56 8.88
CA LYS A 225 -23.91 6.43 10.34
C LYS A 225 -22.49 6.68 10.89
N THR A 226 -21.99 7.94 10.75
CA THR A 226 -20.65 8.32 11.16
C THR A 226 -20.54 8.58 12.66
N TYR A 227 -21.67 8.45 13.40
CA TYR A 227 -21.71 8.56 14.86
C TYR A 227 -21.18 7.24 15.46
N LEU A 228 -21.00 6.20 14.60
CA LEU A 228 -20.46 4.89 14.97
C LEU A 228 -18.93 4.84 14.75
N ASN A 229 -18.25 3.89 15.39
CA ASN A 229 -16.82 3.70 15.20
C ASN A 229 -16.67 3.00 13.84
N PRO A 230 -15.56 3.20 13.15
CA PRO A 230 -14.45 4.04 13.64
C PRO A 230 -14.58 5.52 13.31
N TRP A 231 -15.61 5.89 12.56
CA TRP A 231 -15.79 7.25 12.11
C TRP A 231 -15.89 8.29 13.23
N LYS A 232 -16.54 7.95 14.34
CA LYS A 232 -16.68 8.89 15.46
C LYS A 232 -15.31 9.27 16.08
N LYS A 233 -14.28 8.47 15.86
CA LYS A 233 -12.94 8.76 16.35
C LYS A 233 -12.16 9.69 15.42
N ILE A 234 -12.71 9.93 14.24
CA ILE A 234 -12.05 10.74 13.22
C ILE A 234 -12.56 12.18 13.13
N ASP A 235 -11.62 13.13 13.10
CA ASP A 235 -11.98 14.54 13.02
C ASP A 235 -12.71 14.82 11.71
N SER A 236 -13.62 15.78 11.76
CA SER A 236 -14.44 16.15 10.61
C SER A 236 -13.66 16.45 9.34
N ALA A 237 -12.51 17.10 9.42
CA ALA A 237 -11.75 17.39 8.20
C ALA A 237 -11.23 16.12 7.48
N PRO A 238 -10.49 15.24 8.16
CA PRO A 238 -10.05 13.99 7.52
C PRO A 238 -11.27 13.15 7.12
N LEU A 239 -12.30 13.15 7.95
CA LEU A 239 -13.51 12.41 7.67
C LEU A 239 -14.16 12.88 6.35
N ALA A 240 -14.17 14.19 6.08
CA ALA A 240 -14.70 14.73 4.82
C ALA A 240 -13.90 14.19 3.63
N LEU A 241 -12.57 13.99 3.79
CA LEU A 241 -11.74 13.39 2.73
C LEU A 241 -12.16 11.90 2.56
N LEU A 242 -12.32 11.20 3.68
CA LEU A 242 -12.71 9.79 3.65
C LEU A 242 -14.06 9.63 2.94
N HIS A 243 -14.95 10.58 3.13
CA HIS A 243 -16.26 10.53 2.49
C HIS A 243 -16.09 10.53 0.97
N LYS A 244 -15.13 11.31 0.50
CA LYS A 244 -14.78 11.39 -0.93
C LYS A 244 -14.09 10.15 -1.53
N ILE A 245 -13.22 9.53 -0.75
CA ILE A 245 -12.46 8.33 -1.14
C ILE A 245 -13.32 7.08 -1.12
N LEU A 246 -14.01 6.85 0.00
CA LEU A 246 -14.74 5.59 0.18
C LEU A 246 -16.15 5.67 -0.41
N VAL A 247 -16.18 5.99 -1.71
CA VAL A 247 -17.38 6.14 -2.54
C VAL A 247 -17.51 4.83 -3.30
N GLU A 248 -18.67 4.16 -3.20
CA GLU A 248 -18.94 2.86 -3.82
C GLU A 248 -18.72 2.87 -5.35
N ASN A 249 -19.24 3.89 -6.04
CA ASN A 249 -19.11 4.00 -7.49
C ASN A 249 -17.67 4.45 -7.84
N PRO A 250 -16.83 3.59 -8.47
CA PRO A 250 -15.45 4.00 -8.78
C PRO A 250 -15.33 5.18 -9.76
N SER A 251 -16.37 5.41 -10.59
CA SER A 251 -16.41 6.53 -11.56
C SER A 251 -16.65 7.88 -10.86
N ALA A 252 -17.31 7.86 -9.70
CA ALA A 252 -17.63 9.07 -8.90
C ALA A 252 -16.58 9.28 -7.78
N ARG A 253 -15.78 8.26 -7.52
CA ARG A 253 -14.76 8.31 -6.48
C ARG A 253 -13.72 9.39 -6.78
N ILE A 254 -13.23 10.04 -5.74
CA ILE A 254 -12.25 11.09 -5.91
C ILE A 254 -10.93 10.56 -6.50
N THR A 255 -10.33 11.35 -7.40
CA THR A 255 -9.06 11.03 -8.03
C THR A 255 -7.92 11.64 -7.22
N ILE A 256 -6.70 11.16 -7.43
CA ILE A 256 -5.57 11.69 -6.69
C ILE A 256 -5.35 13.19 -6.91
N PRO A 257 -5.53 13.69 -8.13
CA PRO A 257 -5.33 15.12 -8.38
C PRO A 257 -6.28 15.90 -7.48
N ASP A 258 -7.50 15.41 -7.34
CA ASP A 258 -8.50 16.01 -6.46
C ASP A 258 -8.17 15.84 -4.97
N ILE A 259 -7.61 14.69 -4.59
CA ILE A 259 -7.18 14.44 -3.20
C ILE A 259 -6.18 15.54 -2.78
N LYS A 260 -5.24 15.87 -3.70
CA LYS A 260 -4.20 16.90 -3.46
C LYS A 260 -4.80 18.32 -3.24
N LYS A 261 -6.06 18.53 -3.64
CA LYS A 261 -6.79 19.80 -3.48
C LYS A 261 -7.69 19.77 -2.21
N ASP A 262 -7.81 18.62 -1.52
CA ASP A 262 -8.67 18.47 -0.35
C ASP A 262 -8.22 19.37 0.82
N ARG A 263 -9.17 19.87 1.60
CA ARG A 263 -8.89 20.81 2.70
C ARG A 263 -7.98 20.19 3.78
N TRP A 264 -8.29 18.98 4.24
CA TRP A 264 -7.46 18.32 5.25
C TRP A 264 -6.08 17.96 4.69
N TYR A 265 -6.04 17.51 3.42
CA TYR A 265 -4.76 17.16 2.79
C TYR A 265 -3.82 18.40 2.83
N ASN A 266 -4.40 19.59 2.73
CA ASN A 266 -3.61 20.82 2.72
C ASN A 266 -3.56 21.57 4.07
N LYS A 267 -4.07 20.96 5.12
CA LYS A 267 -4.14 21.60 6.42
C LYS A 267 -2.80 21.54 7.13
N PRO A 268 -2.22 22.70 7.55
CA PRO A 268 -0.95 22.64 8.31
C PRO A 268 -1.20 22.03 9.68
N LEU A 269 -0.45 20.97 9.99
CA LEU A 269 -0.59 20.20 11.25
C LEU A 269 0.76 20.08 11.95
N LYS A 270 0.76 20.11 13.28
CA LYS A 270 1.96 20.00 14.13
C LYS A 270 1.59 19.33 15.45
N LYS A 271 2.48 18.45 15.95
CA LYS A 271 2.37 17.69 17.22
C LYS A 271 1.59 18.39 18.34
C1 5UY B . 12.65 -3.85 6.70
O1 5UY B . 11.06 -5.26 9.62
C2 5UY B . 12.06 -4.79 4.71
O2 5UY B . 12.81 -3.87 9.41
C3 5UY B . 11.25 -5.73 5.35
C4 5UY B . 11.16 -5.72 6.74
C5 5UY B . 9.66 -7.71 6.71
C6 5UY B . 8.17 -7.50 6.52
C7 5UY B . 6.29 -8.79 5.83
C8 5UY B . 5.90 -7.73 4.84
N1 5UY B . 10.38 -6.65 7.39
C9 5UY B . 7.83 -6.43 5.51
C13 5UY B . 11.54 -4.82 1.04
C10 5UY B . 11.44 -5.31 2.35
C11 5UY B . 9.90 -6.84 1.67
C12 5UY B . 10.00 -6.36 0.37
C14 5UY B . 9.22 -6.96 -0.70
C15 5UY B . 11.85 -4.66 8.93
C16 5UY B . 12.86 -3.69 10.84
N2 5UY B . 6.40 -6.41 5.24
C 5UY B . 11.88 -4.74 7.44
O 5UY B . 7.71 -8.76 6.05
N 5UY B . 12.76 -3.87 5.37
N3 5UY B . 12.19 -4.73 3.35
N5 5UY B . 10.82 -5.35 0.04
N4 5UY B . 10.62 -6.31 2.66
N6 5UY B . 8.61 -7.45 -1.53
C1 5UY C . 23.67 -3.60 -6.72
C2 5UY C . 23.55 -5.36 -5.27
C3 5UY C . 23.42 -4.49 -4.18
C4 5UY C . 23.43 -3.12 -4.38
C5 5UY C . 23.16 -2.69 -1.95
N1 5UY C . 23.30 -2.25 -3.33
C13 5UY C . 23.70 -8.90 -4.11
C10 5UY C . 23.39 -7.53 -4.02
C11 5UY C . 22.72 -7.83 -1.87
C12 5UY C . 23.01 -9.19 -1.96
C14 5UY C . 22.79 -10.09 -0.84
C 5UY C . 23.55 -2.65 -5.71
N 5UY C . 23.67 -4.92 -6.52
N3 5UY C . 23.58 -6.72 -5.13
N5 5UY C . 23.51 -9.73 -3.09
N4 5UY C . 22.91 -7.01 -2.91
N6 5UY C . 22.63 -10.83 0.01
C1 EDO D . -20.21 -7.86 -3.21
O1 EDO D . -20.26 -9.09 -2.51
C2 EDO D . -21.62 -7.26 -3.38
O2 EDO D . -22.29 -7.21 -2.13
C1 EDO E . 0.65 9.33 -16.76
O1 EDO E . 2.00 9.47 -17.17
C2 EDO E . 0.06 10.69 -16.31
O2 EDO E . 0.93 11.34 -15.39
C1 EDO F . -18.81 -9.86 6.00
O1 EDO F . -19.59 -9.75 4.82
C2 EDO F . -19.64 -9.44 7.24
O2 EDO F . -18.78 -9.22 8.35
C1 EDO G . -12.20 -5.12 11.49
O1 EDO G . -13.46 -4.80 10.94
C2 EDO G . -11.64 -6.40 10.83
O2 EDO G . -11.73 -6.33 9.41
C1 GOL H . -21.62 7.74 0.21
O1 GOL H . -20.96 8.03 -1.03
C2 GOL H . -20.65 7.40 1.32
O2 GOL H . -21.35 7.32 2.57
C3 GOL H . -19.54 8.42 1.45
O3 GOL H . -18.34 7.90 0.90
C1 GOL I . -4.55 -1.97 10.17
O1 GOL I . -3.14 -1.79 10.11
C2 GOL I . -4.92 -2.82 11.37
O2 GOL I . -5.30 -4.13 10.93
C3 GOL I . -6.06 -2.18 12.12
O3 GOL I . -5.67 -0.91 12.61
#